data_3N8S
#
_entry.id   3N8S
#
_cell.length_a   49.831
_cell.length_b   67.869
_cell.length_c   75.314
_cell.angle_alpha   90.000
_cell.angle_beta   90.000
_cell.angle_gamma   90.000
#
_symmetry.space_group_name_H-M   'P 21 21 21'
#
loop_
_entity.id
_entity.type
_entity.pdbx_description
1 polymer Beta-lactamase
2 non-polymer 'PHOSPHATE ION'
3 non-polymer '(2R)-2-[(1R)-1-{[(2R)-2-hydroxy-2-phenylacetyl]amino}-2-oxoethyl]-5-{[(1-methyl-1H-tetrazol-5-yl)sulfanyl]methyl}-3,6-dihydro-2H-1,3-thiazine-4-carboxylic acid'
4 water water
#
_entity_poly.entity_id   1
_entity_poly.type   'polypeptide(L)'
_entity_poly.pdbx_seq_one_letter_code
;DLADRFAELERRYDARLGVYVPATGTTAAIEYRADERFAFCSTFKAPLVAAVLHQNPLTHLDKLITYTSDDIRSISPVAQ
QHVQTGMTIGQLCDAAIRYSDGTAANLLLADLGGPGGGTAAFTGYLRSLGDTVSRLDAEAPELNRDPPGDERDTTTPHAI
ALVLQQLVLGNALPPDKRALLTDWMARNTTGAKRIRAGFPADWKVIDKTGTGDYGRANDIAVVWSPTGVPYVVAVMSDRA
GGGYDAEPREALLAEAATCVAGVLA
;
_entity_poly.pdbx_strand_id   A
#
loop_
_chem_comp.id
_chem_comp.type
_chem_comp.name
_chem_comp.formula
PO4 non-polymer 'PHOSPHATE ION' 'O4 P -3'
XD2 non-polymer '(2R)-2-[(1R)-1-{[(2R)-2-hydroxy-2-phenylacetyl]amino}-2-oxoethyl]-5-{[(1-methyl-1H-tetrazol-5-yl)sulfanyl]methyl}-3,6-dihydro-2H-1,3-thiazine-4-carboxylic acid' 'C18 H20 N6 O5 S2'
#
# COMPACT_ATOMS: atom_id res chain seq x y z
N ASP A 1 -24.49 1.07 -13.29
CA ASP A 1 -23.52 -0.07 -13.45
C ASP A 1 -22.09 0.39 -13.11
N LEU A 2 -21.46 -0.32 -12.18
CA LEU A 2 -20.11 0.04 -11.71
C LEU A 2 -19.04 -0.08 -12.78
N ALA A 3 -19.11 -1.14 -13.59
CA ALA A 3 -18.12 -1.40 -14.62
C ALA A 3 -18.11 -0.30 -15.68
N ASP A 4 -19.31 0.15 -16.05
CA ASP A 4 -19.46 1.28 -16.97
C ASP A 4 -18.82 2.54 -16.41
N ARG A 5 -19.07 2.81 -15.13
CA ARG A 5 -18.49 3.95 -14.43
C ARG A 5 -16.97 3.86 -14.36
N PHE A 6 -16.45 2.67 -14.02
CA PHE A 6 -15.00 2.47 -13.98
C PHE A 6 -14.37 2.64 -15.38
N ALA A 7 -15.01 2.10 -16.42
CA ALA A 7 -14.53 2.28 -17.80
C ALA A 7 -14.56 3.76 -18.24
N GLU A 8 -15.58 4.50 -17.81
CA GLU A 8 -15.67 5.94 -18.08
C GLU A 8 -14.47 6.69 -17.51
N LEU A 9 -14.08 6.31 -16.29
CA LEU A 9 -12.98 6.96 -15.57
C LEU A 9 -11.65 6.68 -16.24
N GLU A 10 -11.49 5.46 -16.76
CA GLU A 10 -10.31 5.10 -17.54
C GLU A 10 -10.15 5.97 -18.77
N ARG A 11 -11.25 6.20 -19.50
CA ARG A 11 -11.23 7.10 -20.66
C ARG A 11 -10.91 8.54 -20.26
N ARG A 12 -11.52 9.01 -19.15
CA ARG A 12 -11.33 10.38 -18.65
C ARG A 12 -9.88 10.69 -18.29
N TYR A 13 -9.21 9.73 -17.67
CA TYR A 13 -7.85 9.94 -17.17
C TYR A 13 -6.80 9.25 -18.05
N ASP A 14 -7.21 8.74 -19.22
CA ASP A 14 -6.36 7.89 -20.07
C ASP A 14 -5.54 6.91 -19.22
N ALA A 15 -6.25 6.10 -18.46
CA ALA A 15 -5.65 5.26 -17.44
C ALA A 15 -6.14 3.82 -17.51
N ARG A 16 -5.41 2.94 -16.84
CA ARG A 16 -5.86 1.60 -16.55
C ARG A 16 -6.18 1.62 -15.05
N LEU A 17 -7.39 1.21 -14.70
CA LEU A 17 -7.84 1.21 -13.31
C LEU A 17 -8.15 -0.21 -12.82
N GLY A 18 -7.69 -0.52 -11.62
CA GLY A 18 -8.00 -1.79 -10.98
C GLY A 18 -8.64 -1.57 -9.63
N VAL A 19 -9.71 -2.29 -9.35
CA VAL A 19 -10.47 -2.13 -8.10
C VAL A 19 -10.84 -3.52 -7.56
N TYR A 20 -10.63 -3.72 -6.25
CA TYR A 20 -11.17 -4.89 -5.57
C TYR A 20 -11.69 -4.54 -4.18
N VAL A 21 -12.91 -4.98 -3.88
CA VAL A 21 -13.45 -4.99 -2.51
C VAL A 21 -13.91 -6.43 -2.27
N PRO A 22 -13.29 -7.15 -1.30
CA PRO A 22 -13.69 -8.54 -1.02
C PRO A 22 -15.16 -8.62 -0.58
N ALA A 23 -15.80 -9.74 -0.88
CA ALA A 23 -17.18 -10.00 -0.43
C ALA A 23 -17.30 -9.94 1.09
N THR A 24 -18.49 -9.61 1.57
CA THR A 24 -18.83 -9.71 2.99
C THR A 24 -20.06 -10.59 3.14
N GLY A 25 -20.70 -10.49 4.30
CA GLY A 25 -21.96 -11.19 4.54
C GLY A 25 -23.00 -10.87 3.49
N THR A 26 -23.22 -9.58 3.26
CA THR A 26 -24.34 -9.12 2.43
C THR A 26 -23.93 -8.42 1.14
N THR A 27 -22.64 -8.13 0.98
CA THR A 27 -22.17 -7.50 -0.26
C THR A 27 -21.32 -8.48 -1.07
N ALA A 28 -21.60 -8.55 -2.37
CA ALA A 28 -20.75 -9.32 -3.29
C ALA A 28 -19.42 -8.58 -3.47
N ALA A 29 -18.38 -9.31 -3.85
CA ALA A 29 -17.11 -8.69 -4.18
C ALA A 29 -17.29 -7.68 -5.30
N ILE A 30 -16.60 -6.55 -5.19
CA ILE A 30 -16.53 -5.57 -6.27
C ILE A 30 -15.19 -5.79 -6.98
N GLU A 31 -15.23 -6.03 -8.28
CA GLU A 31 -14.01 -6.30 -9.01
C GLU A 31 -13.97 -5.68 -10.42
N TYR A 32 -12.86 -4.99 -10.70
CA TYR A 32 -12.62 -4.39 -12.00
C TYR A 32 -11.13 -4.49 -12.28
N ARG A 33 -10.77 -5.24 -13.32
CA ARG A 33 -9.36 -5.55 -13.63
C ARG A 33 -8.62 -6.07 -12.38
N ALA A 34 -9.38 -6.72 -11.49
CA ALA A 34 -8.90 -7.03 -10.15
C ALA A 34 -7.78 -8.07 -10.13
N ASP A 35 -7.64 -8.83 -11.21
CA ASP A 35 -6.59 -9.84 -11.30
C ASP A 35 -5.47 -9.43 -12.24
N GLU A 36 -5.53 -8.19 -12.74
CA GLU A 36 -4.42 -7.65 -13.53
C GLU A 36 -3.32 -7.15 -12.60
N ARG A 37 -2.08 -7.33 -13.03
CA ARG A 37 -0.94 -6.85 -12.26
C ARG A 37 -0.80 -5.33 -12.38
N PHE A 38 -0.53 -4.69 -11.25
CA PHE A 38 -0.13 -3.29 -11.15
C PHE A 38 1.09 -3.23 -10.21
N ALA A 39 1.98 -2.26 -10.45
CA ALA A 39 3.11 -2.03 -9.54
C ALA A 39 2.61 -1.75 -8.12
N PHE A 40 3.26 -2.38 -7.13
CA PHE A 40 3.05 -2.07 -5.71
C PHE A 40 3.21 -0.58 -5.43
N CYS A 41 4.30 -0.02 -5.96
CA CYS A 41 4.85 1.24 -5.47
C CYS A 41 4.91 1.16 -3.94
N SER A 42 4.66 2.26 -3.22
CA SER A 42 4.77 2.25 -1.76
C SER A 42 3.74 1.43 -1.00
N THR A 43 2.74 0.87 -1.68
CA THR A 43 1.73 0.09 -0.98
C THR A 43 2.33 -1.10 -0.24
N PHE A 44 3.49 -1.57 -0.69
CA PHE A 44 4.19 -2.72 -0.07
C PHE A 44 4.61 -2.46 1.38
N LYS A 45 4.72 -1.19 1.74
CA LYS A 45 5.21 -0.78 3.06
C LYS A 45 4.26 -1.18 4.19
N ALA A 46 2.98 -1.36 3.87
CA ALA A 46 2.02 -1.85 4.88
C ALA A 46 2.26 -3.32 5.23
N PRO A 47 2.25 -4.25 4.24
CA PRO A 47 2.68 -5.60 4.62
C PRO A 47 4.16 -5.72 5.09
N LEU A 48 5.03 -4.83 4.64
CA LEU A 48 6.43 -4.82 5.10
C LEU A 48 6.52 -4.60 6.61
N VAL A 49 5.83 -3.57 7.10
CA VAL A 49 5.80 -3.27 8.55
C VAL A 49 5.22 -4.47 9.32
N ALA A 50 4.19 -5.10 8.76
CA ALA A 50 3.59 -6.29 9.38
C ALA A 50 4.60 -7.44 9.47
N ALA A 51 5.42 -7.61 8.43
CA ALA A 51 6.43 -8.66 8.42
C ALA A 51 7.46 -8.39 9.52
N VAL A 52 7.91 -7.14 9.62
CA VAL A 52 8.90 -6.74 10.63
C VAL A 52 8.32 -6.91 12.03
N LEU A 53 7.08 -6.46 12.23
CA LEU A 53 6.38 -6.67 13.50
C LEU A 53 6.29 -8.16 13.84
N HIS A 54 5.84 -8.96 12.88
CA HIS A 54 5.66 -10.40 13.10
C HIS A 54 6.97 -11.11 13.47
N GLN A 55 8.04 -10.75 12.78
CA GLN A 55 9.34 -11.41 12.87
C GLN A 55 10.03 -11.22 14.20
N ASN A 56 9.67 -10.15 14.93
CA ASN A 56 10.43 -9.74 16.11
C ASN A 56 9.59 -9.51 17.35
N PRO A 57 10.22 -9.62 18.54
CA PRO A 57 9.54 -9.17 19.75
C PRO A 57 9.19 -7.68 19.65
N LEU A 58 8.12 -7.28 20.32
CA LEU A 58 7.67 -5.89 20.25
C LEU A 58 8.74 -4.88 20.65
N THR A 59 9.65 -5.28 21.54
CA THR A 59 10.69 -4.36 22.00
C THR A 59 11.82 -4.11 20.96
N HIS A 60 11.79 -4.86 19.86
CA HIS A 60 12.68 -4.60 18.72
C HIS A 60 12.40 -3.22 18.08
N LEU A 61 11.19 -2.69 18.29
CA LEU A 61 10.83 -1.34 17.84
C LEU A 61 11.72 -0.26 18.45
N ASP A 62 12.42 -0.62 19.52
CA ASP A 62 13.25 0.35 20.23
C ASP A 62 14.73 0.29 19.84
N LYS A 63 15.07 -0.64 18.95
CA LYS A 63 16.42 -0.74 18.40
C LYS A 63 16.73 0.42 17.46
N LEU A 64 17.83 1.12 17.74
CA LEU A 64 18.28 2.23 16.88
C LEU A 64 19.01 1.72 15.64
N ILE A 65 18.59 2.20 14.47
CA ILE A 65 19.24 1.88 13.20
C ILE A 65 19.98 3.14 12.74
N THR A 66 21.26 2.99 12.42
CA THR A 66 22.04 4.10 11.89
C THR A 66 22.20 3.92 10.38
N TYR A 67 22.30 5.05 9.68
CA TYR A 67 22.44 5.05 8.22
C TYR A 67 23.17 6.33 7.81
N THR A 68 23.60 6.38 6.54
CA THR A 68 24.48 7.44 6.04
C THR A 68 23.93 8.17 4.81
N SER A 69 24.72 9.11 4.29
CA SER A 69 24.39 9.90 3.10
C SER A 69 23.99 9.05 1.89
N ASP A 70 24.74 7.99 1.63
CA ASP A 70 24.50 7.16 0.45
C ASP A 70 23.27 6.23 0.56
N ASP A 71 22.60 6.25 1.71
CA ASP A 71 21.37 5.50 1.93
C ASP A 71 20.13 6.28 1.49
N ILE A 72 20.29 7.57 1.22
CA ILE A 72 19.14 8.42 0.84
C ILE A 72 19.09 8.57 -0.68
N ARG A 73 18.19 7.80 -1.29
CA ARG A 73 18.16 7.58 -2.75
C ARG A 73 16.76 7.79 -3.30
N SER A 74 15.84 8.20 -2.44
CA SER A 74 14.42 8.29 -2.77
C SER A 74 13.75 9.29 -1.83
N ILE A 75 12.49 9.62 -2.11
CA ILE A 75 11.72 10.53 -1.23
C ILE A 75 11.65 9.92 0.15
N SER A 76 12.16 10.69 1.12
CA SER A 76 12.38 10.21 2.48
C SER A 76 12.20 11.36 3.47
N PRO A 77 10.95 11.85 3.61
CA PRO A 77 10.66 13.09 4.35
C PRO A 77 11.13 13.07 5.80
N VAL A 78 11.13 11.90 6.43
CA VAL A 78 11.56 11.75 7.82
C VAL A 78 13.03 11.36 7.91
N ALA A 79 13.45 10.31 7.19
CA ALA A 79 14.82 9.78 7.29
C ALA A 79 15.92 10.78 6.92
N GLN A 80 15.61 11.68 6.00
CA GLN A 80 16.54 12.74 5.62
C GLN A 80 16.88 13.66 6.82
N GLN A 81 15.92 13.84 7.68
CA GLN A 81 15.94 14.67 8.86
C GLN A 81 16.67 14.12 10.02
N HIS A 82 16.90 12.81 10.05
CA HIS A 82 17.44 12.13 11.20
C HIS A 82 18.59 11.35 10.86
N VAL A 83 19.17 11.65 9.73
CA VAL A 83 20.30 10.94 9.25
C VAL A 83 21.52 11.02 10.21
N GLN A 84 21.59 12.13 10.90
CA GLN A 84 22.69 12.39 11.84
C GLN A 84 22.54 11.64 13.17
N THR A 85 21.32 11.29 13.55
CA THR A 85 21.03 10.64 14.84
C THR A 85 20.71 9.14 14.75
N GLY A 86 20.24 8.70 13.59
CA GLY A 86 19.68 7.36 13.46
C GLY A 86 18.19 7.36 13.76
N MET A 87 17.52 6.23 13.49
CA MET A 87 16.10 6.11 13.77
C MET A 87 15.84 4.73 14.34
N THR A 88 14.94 4.64 15.31
CA THR A 88 14.54 3.33 15.84
C THR A 88 13.67 2.61 14.81
N ILE A 89 13.60 1.29 14.92
CA ILE A 89 12.72 0.47 14.08
C ILE A 89 11.27 1.00 14.15
N GLY A 90 10.83 1.39 15.35
CA GLY A 90 9.51 2.00 15.54
C GLY A 90 9.33 3.27 14.72
N GLN A 91 10.32 4.16 14.77
CA GLN A 91 10.33 5.40 13.97
C GLN A 91 10.32 5.12 12.48
N LEU A 92 11.02 4.07 12.08
CA LEU A 92 11.12 3.64 10.67
C LEU A 92 9.78 3.11 10.15
N CYS A 93 9.11 2.26 10.94
CA CYS A 93 7.76 1.81 10.62
C CYS A 93 6.80 3.00 10.48
N ASP A 94 6.88 3.94 11.42
CA ASP A 94 6.06 5.15 11.42
C ASP A 94 6.26 5.96 10.13
N ALA A 95 7.52 6.24 9.79
CA ALA A 95 7.89 6.99 8.60
C ALA A 95 7.46 6.29 7.30
N ALA A 96 7.69 4.97 7.24
CA ALA A 96 7.37 4.19 6.04
C ALA A 96 5.87 4.23 5.71
N ILE A 97 5.03 4.09 6.73
CA ILE A 97 3.58 4.11 6.53
C ILE A 97 3.02 5.53 6.41
N ARG A 98 3.36 6.39 7.38
CA ARG A 98 2.70 7.70 7.49
C ARG A 98 3.21 8.76 6.52
N TYR A 99 4.47 8.62 6.11
CA TYR A 99 5.10 9.57 5.17
C TYR A 99 5.59 8.89 3.90
N SER A 100 5.30 7.60 3.78
CA SER A 100 5.75 6.80 2.65
C SER A 100 7.25 6.95 2.40
N ASP A 101 8.00 6.92 3.50
CA ASP A 101 9.42 7.21 3.48
C ASP A 101 10.20 6.06 2.83
N GLY A 102 10.92 6.38 1.76
CA GLY A 102 11.61 5.37 0.95
C GLY A 102 12.85 4.79 1.62
N THR A 103 13.62 5.64 2.29
CA THR A 103 14.79 5.18 3.01
C THR A 103 14.35 4.31 4.20
N ALA A 104 13.33 4.74 4.92
CA ALA A 104 12.81 3.97 6.05
C ALA A 104 12.43 2.54 5.61
N ALA A 105 11.73 2.46 4.49
CA ALA A 105 11.33 1.19 3.91
C ALA A 105 12.52 0.34 3.48
N ASN A 106 13.52 0.97 2.85
CA ASN A 106 14.73 0.24 2.48
C ASN A 106 15.44 -0.35 3.70
N LEU A 107 15.48 0.42 4.79
CA LEU A 107 16.11 -0.02 6.03
C LEU A 107 15.31 -1.15 6.69
N LEU A 108 13.98 -1.10 6.55
CA LEU A 108 13.13 -2.14 7.11
C LEU A 108 13.29 -3.44 6.33
N LEU A 109 13.47 -3.33 5.01
CA LEU A 109 13.78 -4.49 4.18
C LEU A 109 15.10 -5.14 4.61
N ALA A 110 16.11 -4.30 4.86
CA ALA A 110 17.40 -4.76 5.36
C ALA A 110 17.28 -5.46 6.70
N ASP A 111 16.39 -4.95 7.56
CA ASP A 111 16.15 -5.54 8.88
C ASP A 111 15.54 -6.93 8.79
N LEU A 112 14.61 -7.08 7.85
CA LEU A 112 14.01 -8.36 7.53
C LEU A 112 15.08 -9.34 7.04
N GLY A 113 15.98 -8.85 6.18
CA GLY A 113 17.20 -9.56 5.80
C GLY A 113 17.03 -10.61 4.74
N GLY A 114 18.11 -11.34 4.48
CA GLY A 114 18.14 -12.40 3.47
C GLY A 114 18.40 -11.84 2.08
N PRO A 115 18.30 -12.69 1.03
CA PRO A 115 18.64 -12.34 -0.34
C PRO A 115 17.86 -11.13 -0.86
N GLY A 116 18.48 -10.38 -1.78
CA GLY A 116 17.83 -9.26 -2.46
C GLY A 116 17.51 -8.09 -1.54
N GLY A 117 18.34 -7.92 -0.50
CA GLY A 117 18.16 -6.84 0.46
C GLY A 117 16.89 -6.92 1.28
N GLY A 118 16.32 -8.12 1.40
CA GLY A 118 15.08 -8.32 2.14
C GLY A 118 13.85 -8.51 1.28
N THR A 119 13.98 -8.32 -0.04
CA THR A 119 12.84 -8.45 -0.97
C THR A 119 12.31 -9.88 -1.06
N ALA A 120 13.22 -10.87 -0.99
CA ALA A 120 12.81 -12.28 -0.99
C ALA A 120 12.03 -12.66 0.30
N ALA A 121 12.54 -12.23 1.45
CA ALA A 121 11.84 -12.45 2.72
C ALA A 121 10.49 -11.73 2.75
N PHE A 122 10.43 -10.52 2.18
CA PHE A 122 9.15 -9.81 2.06
C PHE A 122 8.15 -10.64 1.27
N THR A 123 8.58 -11.13 0.10
CA THR A 123 7.73 -11.94 -0.77
C THR A 123 7.32 -13.24 -0.05
N GLY A 124 8.28 -13.84 0.66
CA GLY A 124 8.02 -15.03 1.47
C GLY A 124 6.94 -14.80 2.52
N TYR A 125 6.93 -13.59 3.10
CA TYR A 125 5.89 -13.22 4.06
C TYR A 125 4.49 -13.22 3.41
N LEU A 126 4.39 -12.60 2.23
CA LEU A 126 3.14 -12.62 1.47
C LEU A 126 2.70 -14.05 1.15
N ARG A 127 3.65 -14.90 0.75
CA ARG A 127 3.35 -16.31 0.47
C ARG A 127 2.74 -17.02 1.68
N SER A 128 3.22 -16.66 2.88
CA SER A 128 2.74 -17.29 4.12
C SER A 128 1.29 -16.90 4.42
N LEU A 129 0.85 -15.80 3.82
CA LEU A 129 -0.55 -15.35 3.92
C LEU A 129 -1.38 -15.85 2.73
N GLY A 130 -0.83 -16.79 1.97
CA GLY A 130 -1.55 -17.39 0.85
C GLY A 130 -1.58 -16.59 -0.42
N ASP A 131 -0.79 -15.53 -0.48
CA ASP A 131 -0.64 -14.72 -1.70
C ASP A 131 0.45 -15.33 -2.58
N THR A 132 0.03 -16.00 -3.66
CA THR A 132 0.94 -16.65 -4.59
C THR A 132 1.14 -15.80 -5.86
N VAL A 133 0.63 -14.58 -5.81
CA VAL A 133 0.62 -13.66 -6.95
C VAL A 133 1.70 -12.57 -6.86
N SER A 134 1.69 -11.84 -5.74
CA SER A 134 2.56 -10.67 -5.58
C SER A 134 4.04 -11.04 -5.53
N ARG A 135 4.89 -10.09 -5.92
CA ARG A 135 6.34 -10.23 -5.82
C ARG A 135 7.00 -8.86 -5.65
N LEU A 136 8.02 -8.81 -4.79
CA LEU A 136 8.88 -7.64 -4.69
C LEU A 136 10.28 -8.07 -5.11
N ASP A 137 10.89 -7.30 -5.99
CA ASP A 137 12.17 -7.65 -6.60
C ASP A 137 13.26 -6.61 -6.36
N ALA A 138 12.86 -5.37 -6.11
CA ALA A 138 13.81 -4.29 -5.92
C ALA A 138 13.38 -3.44 -4.74
N GLU A 139 14.27 -2.58 -4.28
CA GLU A 139 13.90 -1.61 -3.26
C GLU A 139 13.73 -0.23 -3.92
N ALA A 140 13.51 0.81 -3.12
CA ALA A 140 13.46 2.17 -3.64
C ALA A 140 14.86 2.63 -4.06
N PRO A 141 14.97 3.38 -5.19
CA PRO A 141 13.91 3.88 -6.10
C PRO A 141 13.42 2.91 -7.19
N GLU A 142 14.18 1.84 -7.45
CA GLU A 142 13.94 0.98 -8.62
C GLU A 142 12.52 0.41 -8.73
N LEU A 143 11.90 0.11 -7.59
CA LEU A 143 10.64 -0.64 -7.57
C LEU A 143 9.46 0.08 -8.23
N ASN A 144 9.56 1.41 -8.37
CA ASN A 144 8.53 2.25 -9.01
C ASN A 144 8.67 2.40 -10.53
N ARG A 145 9.77 1.85 -11.08
CA ARG A 145 10.23 2.18 -12.43
C ARG A 145 10.07 1.08 -13.49
N ASP A 146 9.50 -0.06 -13.13
CA ASP A 146 9.40 -1.17 -14.08
C ASP A 146 8.48 -0.79 -15.23
N PRO A 147 8.85 -1.16 -16.48
CA PRO A 147 7.98 -0.84 -17.62
C PRO A 147 6.57 -1.36 -17.41
N PRO A 148 5.57 -0.65 -17.93
CA PRO A 148 4.19 -1.18 -17.92
C PRO A 148 4.16 -2.60 -18.47
N GLY A 149 3.41 -3.48 -17.80
CA GLY A 149 3.32 -4.89 -18.18
C GLY A 149 4.33 -5.81 -17.51
N ASP A 150 5.50 -5.26 -17.15
CA ASP A 150 6.56 -6.01 -16.47
C ASP A 150 6.03 -6.52 -15.13
N GLU A 151 6.31 -7.78 -14.82
CA GLU A 151 5.78 -8.40 -13.59
C GLU A 151 6.59 -8.14 -12.31
N ARG A 152 7.82 -7.65 -12.46
CA ARG A 152 8.64 -7.30 -11.30
C ARG A 152 7.92 -6.26 -10.45
N ASP A 153 8.02 -6.42 -9.13
CA ASP A 153 7.45 -5.46 -8.16
C ASP A 153 5.94 -5.20 -8.31
N THR A 154 5.19 -6.25 -8.68
CA THR A 154 3.74 -6.11 -8.88
C THR A 154 2.91 -6.90 -7.87
N THR A 155 1.68 -6.45 -7.70
CA THR A 155 0.63 -7.19 -7.00
C THR A 155 -0.61 -7.06 -7.90
N THR A 156 -1.77 -7.48 -7.42
CA THR A 156 -3.04 -7.20 -8.08
C THR A 156 -4.00 -6.60 -7.05
N PRO A 157 -5.01 -5.85 -7.49
CA PRO A 157 -5.99 -5.37 -6.50
C PRO A 157 -6.58 -6.51 -5.65
N HIS A 158 -6.88 -7.64 -6.30
CA HIS A 158 -7.39 -8.81 -5.61
C HIS A 158 -6.42 -9.34 -4.54
N ALA A 159 -5.15 -9.56 -4.90
CA ALA A 159 -4.16 -10.13 -3.99
C ALA A 159 -3.87 -9.26 -2.76
N ILE A 160 -3.62 -7.98 -2.99
CA ILE A 160 -3.27 -7.07 -1.91
C ILE A 160 -4.44 -6.80 -0.95
N ALA A 161 -5.66 -6.79 -1.47
CA ALA A 161 -6.85 -6.64 -0.63
C ALA A 161 -7.00 -7.84 0.33
N LEU A 162 -6.72 -9.04 -0.16
CA LEU A 162 -6.82 -10.23 0.70
C LEU A 162 -5.69 -10.25 1.73
N VAL A 163 -4.52 -9.75 1.35
CA VAL A 163 -3.40 -9.58 2.28
C VAL A 163 -3.80 -8.57 3.38
N LEU A 164 -4.22 -7.38 2.98
CA LEU A 164 -4.60 -6.35 3.95
C LEU A 164 -5.73 -6.79 4.87
N GLN A 165 -6.70 -7.52 4.33
CA GLN A 165 -7.82 -8.07 5.11
C GLN A 165 -7.30 -8.93 6.26
N GLN A 166 -6.37 -9.85 5.96
CA GLN A 166 -5.77 -10.71 6.99
C GLN A 166 -4.99 -9.92 8.04
N LEU A 167 -4.26 -8.90 7.59
CA LEU A 167 -3.41 -8.09 8.49
C LEU A 167 -4.20 -7.24 9.48
N VAL A 168 -5.26 -6.59 8.99
CA VAL A 168 -6.04 -5.61 9.77
C VAL A 168 -7.28 -6.26 10.40
N LEU A 169 -7.97 -7.09 9.65
CA LEU A 169 -9.25 -7.65 10.09
C LEU A 169 -9.14 -9.11 10.57
N GLY A 170 -8.18 -9.84 10.03
CA GLY A 170 -7.98 -11.25 10.39
C GLY A 170 -6.91 -11.48 11.45
N ASN A 171 -6.34 -12.68 11.49
CA ASN A 171 -5.44 -13.09 12.57
C ASN A 171 -3.98 -13.27 12.17
N ALA A 172 -3.58 -12.63 11.09
CA ALA A 172 -2.18 -12.69 10.63
C ALA A 172 -1.22 -12.21 11.70
N LEU A 173 -1.62 -11.17 12.44
CA LEU A 173 -0.84 -10.61 13.53
C LEU A 173 -1.56 -10.77 14.88
N PRO A 174 -0.78 -10.94 15.97
CA PRO A 174 -1.40 -10.88 17.31
C PRO A 174 -2.00 -9.50 17.55
N PRO A 175 -3.04 -9.39 18.40
CA PRO A 175 -3.76 -8.13 18.61
C PRO A 175 -2.89 -6.90 18.88
N ASP A 176 -1.81 -7.06 19.63
CA ASP A 176 -0.95 -5.92 19.96
C ASP A 176 -0.18 -5.35 18.77
N LYS A 177 0.37 -6.24 17.93
CA LYS A 177 1.08 -5.85 16.71
C LYS A 177 0.09 -5.36 15.64
N ARG A 178 -1.08 -5.99 15.61
CA ARG A 178 -2.16 -5.60 14.70
C ARG A 178 -2.60 -4.15 14.95
N ALA A 179 -2.74 -3.80 16.22
CA ALA A 179 -3.08 -2.43 16.62
C ALA A 179 -2.03 -1.40 16.18
N LEU A 180 -0.75 -1.74 16.30
CA LEU A 180 0.35 -0.88 15.85
C LEU A 180 0.26 -0.55 14.36
N LEU A 181 0.12 -1.59 13.53
CA LEU A 181 -0.07 -1.42 12.10
C LEU A 181 -1.32 -0.60 11.77
N THR A 182 -2.45 -0.96 12.40
CA THR A 182 -3.72 -0.27 12.20
C THR A 182 -3.62 1.21 12.52
N ASP A 183 -3.03 1.53 13.68
CA ASP A 183 -2.87 2.92 14.14
C ASP A 183 -2.02 3.75 13.19
N TRP A 184 -0.90 3.18 12.73
CA TRP A 184 -0.04 3.85 11.77
C TRP A 184 -0.78 4.19 10.49
N MET A 185 -1.50 3.22 9.94
CA MET A 185 -2.31 3.44 8.75
C MET A 185 -3.44 4.46 9.00
N ALA A 186 -4.00 4.44 10.21
CA ALA A 186 -5.02 5.41 10.62
C ALA A 186 -4.50 6.84 10.66
N ARG A 187 -3.22 6.99 10.96
CA ARG A 187 -2.57 8.30 11.11
C ARG A 187 -1.76 8.69 9.86
N ASN A 188 -1.98 7.97 8.76
CA ASN A 188 -1.29 8.27 7.50
C ASN A 188 -1.53 9.71 7.02
N THR A 189 -0.47 10.35 6.51
CA THR A 189 -0.56 11.76 6.08
C THR A 189 -0.70 11.95 4.57
N THR A 190 -0.63 10.87 3.81
CA THR A 190 -0.51 10.95 2.35
C THR A 190 -1.78 10.66 1.56
N GLY A 191 -2.84 10.23 2.24
CA GLY A 191 -4.01 9.66 1.56
C GLY A 191 -5.28 10.49 1.49
N ALA A 192 -5.19 11.77 1.84
CA ALA A 192 -6.37 12.64 1.96
C ALA A 192 -7.19 12.75 0.67
N LYS A 193 -6.51 12.64 -0.47
CA LYS A 193 -7.13 12.90 -1.77
C LYS A 193 -7.40 11.63 -2.56
N ARG A 194 -7.32 10.47 -1.90
CA ARG A 194 -7.55 9.22 -2.59
C ARG A 194 -8.80 8.54 -2.04
N ILE A 195 -8.67 7.33 -1.48
CA ILE A 195 -9.86 6.61 -0.98
C ILE A 195 -10.64 7.44 0.06
N ARG A 196 -9.92 8.05 0.99
CA ARG A 196 -10.48 8.98 1.98
C ARG A 196 -11.44 10.04 1.37
N ALA A 197 -11.06 10.62 0.24
CA ALA A 197 -11.87 11.65 -0.41
C ALA A 197 -13.21 11.11 -0.96
N GLY A 198 -13.29 9.81 -1.21
CA GLY A 198 -14.46 9.18 -1.80
C GLY A 198 -15.50 8.65 -0.82
N PHE A 199 -15.11 8.57 0.45
CA PHE A 199 -16.00 8.10 1.53
C PHE A 199 -16.46 9.24 2.42
N PRO A 200 -17.74 9.22 2.84
CA PRO A 200 -18.25 10.27 3.74
C PRO A 200 -17.46 10.34 5.04
N ALA A 201 -17.41 11.54 5.63
CA ALA A 201 -16.67 11.81 6.87
C ALA A 201 -16.97 10.85 8.04
N ASP A 202 -18.19 10.33 8.12
CA ASP A 202 -18.56 9.44 9.22
C ASP A 202 -18.12 7.98 9.04
N TRP A 203 -17.46 7.71 7.91
CA TRP A 203 -16.79 6.43 7.71
C TRP A 203 -15.34 6.58 8.15
N LYS A 204 -14.85 5.59 8.91
CA LYS A 204 -13.43 5.56 9.26
C LYS A 204 -12.63 5.02 8.08
N VAL A 205 -11.55 5.71 7.73
CA VAL A 205 -10.64 5.24 6.68
C VAL A 205 -9.20 5.15 7.21
N ILE A 206 -8.58 3.99 7.04
CA ILE A 206 -7.13 3.83 7.28
C ILE A 206 -6.51 3.39 5.94
N ASP A 207 -5.32 3.87 5.61
CA ASP A 207 -4.78 3.57 4.27
C ASP A 207 -3.26 3.62 4.11
N LYS A 208 -2.80 3.10 2.97
CA LYS A 208 -1.41 3.22 2.55
C LYS A 208 -1.40 3.45 1.04
N THR A 209 -0.76 4.55 0.64
CA THR A 209 -0.76 4.97 -0.75
C THR A 209 0.47 4.44 -1.48
N GLY A 210 0.42 4.50 -2.80
CA GLY A 210 1.60 4.24 -3.63
C GLY A 210 1.53 5.16 -4.83
N THR A 211 2.69 5.67 -5.24
CA THR A 211 2.81 6.52 -6.43
C THR A 211 4.12 6.15 -7.14
N GLY A 212 4.09 6.11 -8.46
CA GLY A 212 5.26 5.72 -9.23
C GLY A 212 5.33 6.35 -10.61
N ASP A 213 6.20 5.81 -11.45
CA ASP A 213 6.36 6.33 -12.81
C ASP A 213 5.24 5.79 -13.67
N TYR A 214 5.15 6.26 -14.92
CA TYR A 214 4.07 5.85 -15.82
C TYR A 214 2.69 6.17 -15.21
N GLY A 215 2.65 7.26 -14.45
CA GLY A 215 1.41 7.77 -13.87
C GLY A 215 0.77 6.85 -12.86
N ARG A 216 1.59 6.09 -12.14
CA ARG A 216 1.08 5.14 -11.15
C ARG A 216 0.59 5.84 -9.89
N ALA A 217 -0.65 5.52 -9.50
CA ALA A 217 -1.24 5.98 -8.26
C ALA A 217 -2.11 4.87 -7.69
N ASN A 218 -1.76 4.43 -6.47
CA ASN A 218 -2.48 3.36 -5.79
C ASN A 218 -2.95 3.84 -4.42
N ASP A 219 -3.96 3.16 -3.88
CA ASP A 219 -4.35 3.32 -2.49
C ASP A 219 -5.00 2.01 -2.02
N ILE A 220 -4.54 1.51 -0.87
CA ILE A 220 -5.17 0.35 -0.25
C ILE A 220 -5.69 0.79 1.12
N ALA A 221 -6.96 0.49 1.39
CA ALA A 221 -7.60 0.95 2.62
C ALA A 221 -8.39 -0.14 3.31
N VAL A 222 -8.59 0.04 4.61
CA VAL A 222 -9.71 -0.59 5.30
C VAL A 222 -10.61 0.53 5.75
N VAL A 223 -11.90 0.38 5.47
CA VAL A 223 -12.89 1.39 5.85
C VAL A 223 -13.92 0.76 6.77
N TRP A 224 -14.50 1.59 7.64
CA TRP A 224 -15.56 1.15 8.52
C TRP A 224 -16.77 2.07 8.36
N SER A 225 -17.94 1.48 8.16
CA SER A 225 -19.19 2.23 8.09
C SER A 225 -19.47 2.94 9.43
N PRO A 226 -20.43 3.90 9.45
CA PRO A 226 -20.82 4.55 10.71
C PRO A 226 -21.30 3.55 11.80
N THR A 227 -21.66 2.33 11.40
CA THR A 227 -22.05 1.28 12.37
C THR A 227 -20.97 0.21 12.59
N GLY A 228 -19.75 0.50 12.16
CA GLY A 228 -18.61 -0.39 12.41
C GLY A 228 -18.51 -1.62 11.52
N VAL A 229 -19.16 -1.60 10.35
CA VAL A 229 -19.01 -2.68 9.38
C VAL A 229 -17.77 -2.40 8.51
N PRO A 230 -16.77 -3.30 8.55
CA PRO A 230 -15.54 -3.06 7.80
C PRO A 230 -15.55 -3.58 6.36
N TYR A 231 -14.83 -2.88 5.49
CA TYR A 231 -14.62 -3.30 4.10
C TYR A 231 -13.17 -2.99 3.74
N VAL A 232 -12.58 -3.82 2.87
CA VAL A 232 -11.24 -3.57 2.37
C VAL A 232 -11.36 -3.05 0.95
N VAL A 233 -10.65 -1.96 0.66
CA VAL A 233 -10.73 -1.30 -0.65
C VAL A 233 -9.34 -1.15 -1.25
N ALA A 234 -9.11 -1.79 -2.40
CA ALA A 234 -7.84 -1.63 -3.12
C ALA A 234 -8.10 -0.98 -4.45
N VAL A 235 -7.45 0.16 -4.69
CA VAL A 235 -7.55 0.85 -5.97
C VAL A 235 -6.14 1.08 -6.51
N MET A 236 -5.92 0.65 -7.75
CA MET A 236 -4.63 0.78 -8.41
C MET A 236 -4.82 1.34 -9.81
N SER A 237 -3.85 2.15 -10.25
CA SER A 237 -3.92 2.75 -11.57
C SER A 237 -2.55 3.04 -12.15
N ASP A 238 -2.47 3.01 -13.47
CA ASP A 238 -1.33 3.57 -14.19
C ASP A 238 -1.80 4.28 -15.46
N ARG A 239 -0.89 5.00 -16.09
CA ARG A 239 -1.20 5.76 -17.29
C ARG A 239 -0.10 5.56 -18.35
N ALA A 240 0.11 4.32 -18.77
CA ALA A 240 1.20 3.95 -19.69
C ALA A 240 1.25 4.82 -20.95
N GLY A 241 0.09 5.29 -21.37
CA GLY A 241 -0.05 6.13 -22.56
C GLY A 241 0.64 7.48 -22.51
N GLY A 242 1.00 7.95 -21.31
CA GLY A 242 1.80 9.17 -21.18
C GLY A 242 3.29 8.90 -21.06
N GLY A 243 3.66 7.63 -21.08
CA GLY A 243 5.07 7.24 -20.92
C GLY A 243 5.58 7.40 -19.51
N TYR A 244 6.90 7.30 -19.35
CA TYR A 244 7.56 7.30 -18.05
C TYR A 244 7.14 8.47 -17.14
N ASP A 245 6.99 9.65 -17.76
CA ASP A 245 6.74 10.88 -17.03
C ASP A 245 5.25 11.22 -16.89
N ALA A 246 4.36 10.30 -17.29
CA ALA A 246 2.93 10.49 -17.09
C ALA A 246 2.65 10.90 -15.63
N GLU A 247 1.85 11.94 -15.46
CA GLU A 247 1.49 12.41 -14.14
C GLU A 247 0.51 11.45 -13.47
N PRO A 248 0.80 11.04 -12.23
CA PRO A 248 -0.16 10.26 -11.46
C PRO A 248 -1.40 11.12 -11.20
N ARG A 249 -2.57 10.49 -11.17
CA ARG A 249 -3.82 11.23 -11.01
C ARG A 249 -4.64 10.79 -9.81
N GLU A 250 -4.44 11.48 -8.68
CA GLU A 250 -5.14 11.14 -7.43
C GLU A 250 -6.65 11.21 -7.57
N ALA A 251 -7.11 12.16 -8.38
CA ALA A 251 -8.53 12.37 -8.62
C ALA A 251 -9.21 11.12 -9.16
N LEU A 252 -8.52 10.34 -9.99
CA LEU A 252 -9.04 9.06 -10.47
C LEU A 252 -9.42 8.11 -9.31
N LEU A 253 -8.54 8.02 -8.32
CA LEU A 253 -8.77 7.12 -7.18
C LEU A 253 -9.89 7.64 -6.29
N ALA A 254 -9.97 8.96 -6.15
CA ALA A 254 -11.06 9.58 -5.37
C ALA A 254 -12.41 9.30 -6.04
N GLU A 255 -12.46 9.40 -7.36
CA GLU A 255 -13.70 9.11 -8.11
C GLU A 255 -14.07 7.63 -8.05
N ALA A 256 -13.09 6.76 -8.25
CA ALA A 256 -13.30 5.31 -8.10
C ALA A 256 -13.80 4.98 -6.71
N ALA A 257 -13.17 5.56 -5.68
CA ALA A 257 -13.62 5.39 -4.30
C ALA A 257 -15.05 5.89 -4.06
N THR A 258 -15.40 7.04 -4.66
CA THR A 258 -16.75 7.59 -4.58
C THR A 258 -17.76 6.60 -5.12
N CYS A 259 -17.43 5.98 -6.26
CA CYS A 259 -18.31 4.97 -6.88
C CYS A 259 -18.49 3.74 -6.00
N VAL A 260 -17.40 3.27 -5.39
CA VAL A 260 -17.42 2.15 -4.46
C VAL A 260 -18.26 2.47 -3.21
N ALA A 261 -17.99 3.64 -2.60
CA ALA A 261 -18.73 4.12 -1.43
C ALA A 261 -20.24 4.20 -1.66
N GLY A 262 -20.62 4.59 -2.88
CA GLY A 262 -22.03 4.65 -3.28
C GLY A 262 -22.71 3.30 -3.27
N VAL A 263 -21.97 2.25 -3.60
CA VAL A 263 -22.50 0.87 -3.55
C VAL A 263 -22.56 0.36 -2.12
N LEU A 264 -21.53 0.67 -1.32
CA LEU A 264 -21.42 0.16 0.04
C LEU A 264 -22.29 0.88 1.07
N ALA A 265 -22.76 2.08 0.74
CA ALA A 265 -23.59 2.87 1.67
C ALA A 265 -25.03 2.33 1.80
P PO4 B . 0.76 -13.95 -14.34
O1 PO4 B . 1.31 -14.46 -13.03
O2 PO4 B . -0.38 -14.80 -14.82
O3 PO4 B . 0.28 -12.53 -14.19
O4 PO4 B . 1.91 -14.02 -15.32
P PO4 C . 21.32 1.82 -6.93
O1 PO4 C . 22.19 1.61 -5.72
O2 PO4 C . 21.61 0.76 -7.96
O3 PO4 C . 19.88 1.74 -6.50
O4 PO4 C . 21.57 3.17 -7.56
CAA XD2 D . 1.67 14.44 -2.60
OAB XD2 D . 2.54 6.91 -1.26
OAC XD2 D . 9.04 7.26 -4.28
OAD XD2 D . 5.04 4.92 -3.58
OAE XD2 D . 1.88 8.48 -2.26
OAF XD2 D . 9.04 7.12 -7.03
CAG XD2 D . 6.49 11.36 -7.36
CAH XD2 D . 5.77 10.25 -7.67
CAI XD2 D . 7.67 11.17 -6.71
CAJ XD2 D . 6.19 8.97 -7.34
CAK XD2 D . 8.11 9.88 -6.40
CAL XD2 D . 5.96 5.08 -2.56
CAM XD2 D . 3.25 10.15 -3.31
CAN XD2 D . 5.80 9.65 -3.37
NAO XD2 D . 2.36 12.69 0.30
NAP XD2 D . 3.05 11.97 -0.40
NAQ XD2 D . 1.80 13.58 -0.29
NAR XD2 D . 6.88 6.61 -4.28
NAS XD2 D . 5.03 7.28 -1.85
SAT XD2 D . 3.65 11.92 -3.18
SAU XD2 D . 7.08 9.02 -2.25
CAV XD2 D . 2.74 7.84 -1.86
CAW XD2 D . 7.97 7.14 -4.84
CAX XD2 D . 4.39 9.26 -2.93
CAY XD2 D . 4.12 8.10 -2.25
CAZ XD2 D . 7.37 8.77 -6.69
CBA XD2 D . 2.91 12.49 -1.60
CBB XD2 D . 7.86 7.40 -6.36
CBC XD2 D . 6.85 6.22 -2.88
CBD XD2 D . 6.45 7.37 -2.03
NBE XD2 D . 2.12 13.53 -1.46
#